data_8PSE
#
_entry.id   8PSE
#
_entity_poly.entity_id   1
_entity_poly.type   'polydeoxyribonucleotide'
_entity_poly.pdbx_seq_one_letter_code
;(DA)(DG)(DG)(DG)(DT)(DA)(DG)(DG)(DG)(DC)(DG)(DG)(DC)(DG)(BGM)(DG)(DT)(DA)(DC)
(DG)(DG)(DG)(DT)
;
_entity_poly.pdbx_strand_id   A
#
loop_
_chem_comp.id
_chem_comp.type
_chem_comp.name
_chem_comp.formula
BGM DNA linking 8-BROMO-2'-DEOXYGUANOSINE-5'-MONOPHOSPHATE 'C10 H13 Br N5 O7 P'
DA DNA linking 2'-DEOXYADENOSINE-5'-MONOPHOSPHATE 'C10 H14 N5 O6 P'
DC DNA linking 2'-DEOXYCYTIDINE-5'-MONOPHOSPHATE 'C9 H14 N3 O7 P'
DG DNA linking 2'-DEOXYGUANOSINE-5'-MONOPHOSPHATE 'C10 H14 N5 O7 P'
DT DNA linking THYMIDINE-5'-MONOPHOSPHATE 'C10 H15 N2 O8 P'
#
# COMPACT_ATOMS: atom_id res chain seq x y z
P BGM A 15 -0.60 1.08 -4.71
OP2 BGM A 15 -0.39 2.51 -4.41
O5' BGM A 15 -0.89 0.30 -3.33
C5' BGM A 15 -1.23 -1.09 -3.33
C4' BGM A 15 -1.49 -1.62 -1.91
O4' BGM A 15 -0.30 -1.72 -1.13
C1' BGM A 15 -0.74 -1.56 0.20
N9 BGM A 15 0.33 -1.38 1.22
C8 BGM A 15 0.62 -2.17 2.31
N7 BGM A 15 1.52 -1.70 3.10
C5 BGM A 15 1.96 -0.54 2.46
C4 BGM A 15 1.24 -0.34 1.30
N3 BGM A 15 1.44 0.68 0.40
C2 BGM A 15 2.44 1.50 0.75
N2 BGM A 15 2.71 2.49 -0.06
N1 BGM A 15 3.20 1.36 1.86
C6 BGM A 15 3.00 0.37 2.82
O6 BGM A 15 3.71 0.36 3.82
C2' BGM A 15 -1.71 -0.38 0.12
C3' BGM A 15 -2.52 -0.77 -1.12
O3' BGM A 15 -3.66 -1.58 -0.83
BR BGM A 15 -0.17 -3.85 2.67
H5' BGM A 15 -0.42 -1.66 -3.77
H5'' BGM A 15 -2.12 -1.24 -3.92
H4' BGM A 15 -1.92 -2.62 -2.01
H1' BGM A 15 -1.32 -2.44 0.48
H21 BGM A 15 3.48 3.13 0.11
H22 BGM A 15 2.16 2.59 -0.89
H1 BGM A 15 3.94 2.02 2.05
H2' BGM A 15 -2.31 -0.31 1.02
H2'' BGM A 15 -1.18 0.55 -0.06
H3' BGM A 15 -2.81 0.13 -1.67
P BGM A 15 -0.88 1.71 -4.37
OP2 BGM A 15 -0.61 3.08 -3.85
O5' BGM A 15 -1.17 0.73 -3.11
C5' BGM A 15 -1.55 -0.63 -3.31
C4' BGM A 15 -1.86 -1.35 -1.99
O4' BGM A 15 -0.68 -1.57 -1.22
C1' BGM A 15 -1.09 -1.46 0.14
N9 BGM A 15 0.00 -1.39 1.14
C8 BGM A 15 0.31 -2.30 2.12
N7 BGM A 15 1.26 -1.93 2.93
C5 BGM A 15 1.69 -0.72 2.39
C4 BGM A 15 0.94 -0.38 1.28
N3 BGM A 15 1.13 0.71 0.48
C2 BGM A 15 2.16 1.46 0.84
N2 BGM A 15 2.43 2.50 0.11
N1 BGM A 15 2.97 1.20 1.91
C6 BGM A 15 2.78 0.12 2.77
O6 BGM A 15 3.56 0.00 3.71
C2' BGM A 15 -2.01 -0.25 0.11
C3' BGM A 15 -2.87 -0.58 -1.11
O3' BGM A 15 -3.97 -1.44 -0.80
BR BGM A 15 -0.51 -4.00 2.33
H5' BGM A 15 -0.77 -1.16 -3.84
H5'' BGM A 15 -2.45 -0.65 -3.93
H4' BGM A 15 -2.29 -2.32 -2.25
H1' BGM A 15 -1.72 -2.32 0.37
H21 BGM A 15 3.22 3.10 0.30
H22 BGM A 15 1.83 2.68 -0.68
H1 BGM A 15 3.76 1.79 2.09
H2' BGM A 15 -2.58 -0.15 1.03
H2'' BGM A 15 -1.46 0.67 -0.08
H3' BGM A 15 -3.21 0.33 -1.60
P BGM A 15 -0.06 0.37 -4.83
OP2 BGM A 15 0.47 1.75 -4.85
O5' BGM A 15 -0.55 0.03 -3.33
C5' BGM A 15 -1.10 -1.26 -3.03
C4' BGM A 15 -1.53 -1.40 -1.57
O4' BGM A 15 -0.44 -1.38 -0.64
C1' BGM A 15 -1.04 -1.00 0.58
N9 BGM A 15 -0.07 -0.72 1.69
C8 BGM A 15 0.10 -1.40 2.87
N7 BGM A 15 0.99 -0.89 3.67
C5 BGM A 15 1.51 0.18 2.94
C4 BGM A 15 0.88 0.29 1.72
N3 BGM A 15 1.19 1.19 0.74
C2 BGM A 15 2.19 2.00 1.06
N2 BGM A 15 2.55 2.86 0.14
N1 BGM A 15 2.89 1.97 2.24
C6 BGM A 15 2.57 1.09 3.27
O6 BGM A 15 3.22 1.14 4.31
C2' BGM A 15 -1.91 0.20 0.18
C3' BGM A 15 -2.54 -0.34 -1.11
O3' BGM A 15 -3.80 -0.98 -0.93
BR BGM A 15 -0.82 -2.99 3.35
H5' BGM A 15 -0.37 -2.03 -3.26
H5'' BGM A 15 -1.98 -1.42 -3.66
H4' BGM A 15 -2.01 -2.38 -1.48
H1' BGM A 15 -1.71 -1.79 0.91
H21 BGM A 15 3.32 3.51 0.31
H22 BGM A 15 2.06 2.87 -0.73
H1 BGM A 15 3.68 2.56 2.37
H2' BGM A 15 -2.63 0.44 0.95
H2'' BGM A 15 -1.31 1.06 -0.05
H3' BGM A 15 -2.63 0.47 -1.84
P BGM A 15 -0.47 1.32 -4.38
OP2 BGM A 15 -0.23 2.61 -3.69
O5' BGM A 15 -1.24 0.34 -3.35
C5' BGM A 15 -0.65 -0.04 -2.11
C4' BGM A 15 -1.58 -0.95 -1.31
O4' BGM A 15 -0.84 -1.47 -0.20
C1' BGM A 15 -1.46 -1.02 0.99
N9 BGM A 15 -0.45 -0.78 2.07
C8 BGM A 15 -0.31 -1.48 3.25
N7 BGM A 15 0.74 -1.14 3.95
C5 BGM A 15 1.35 -0.18 3.18
C4 BGM A 15 0.64 0.06 2.02
N3 BGM A 15 0.97 0.96 1.04
C2 BGM A 15 2.11 1.62 1.28
N2 BGM A 15 2.49 2.49 0.39
N1 BGM A 15 2.90 1.42 2.37
C6 BGM A 15 2.59 0.54 3.39
O6 BGM A 15 3.37 0.43 4.34
C2' BGM A 15 -2.28 0.21 0.62
C3' BGM A 15 -2.80 -0.22 -0.75
O3' BGM A 15 -3.91 -1.12 -0.71
BR BGM A 15 -1.46 -2.85 3.85
H5' BGM A 15 -0.42 0.85 -1.52
H5'' BGM A 15 0.26 -0.58 -2.31
H4' BGM A 15 -1.91 -1.78 -1.95
H1' BGM A 15 -2.16 -1.79 1.32
H21 BGM A 15 3.33 3.05 0.52
H22 BGM A 15 1.89 2.66 -0.40
H1 BGM A 15 3.78 1.91 2.46
H2' BGM A 15 -3.08 0.39 1.35
H2'' BGM A 15 -1.65 1.10 0.53
H3' BGM A 15 -3.05 0.66 -1.37
P BGM A 15 -0.46 1.69 -4.35
OP2 BGM A 15 -0.01 3.03 -3.88
O5' BGM A 15 -0.76 0.76 -3.07
C5' BGM A 15 -1.15 -0.60 -3.23
C4' BGM A 15 -1.43 -1.28 -1.89
O4' BGM A 15 -0.25 -1.42 -1.10
C1' BGM A 15 -0.68 -1.33 0.24
N9 BGM A 15 0.40 -1.15 1.26
C8 BGM A 15 0.70 -2.00 2.30
N7 BGM A 15 1.60 -1.54 3.12
C5 BGM A 15 2.02 -0.36 2.52
C4 BGM A 15 1.31 -0.13 1.36
N3 BGM A 15 1.51 0.93 0.49
C2 BGM A 15 2.52 1.72 0.84
N2 BGM A 15 2.82 2.71 0.05
N1 BGM A 15 3.29 1.55 1.97
C6 BGM A 15 3.08 0.54 2.89
O6 BGM A 15 3.80 0.49 3.88
C2' BGM A 15 -1.68 -0.17 0.23
C3' BGM A 15 -2.47 -0.50 -1.03
O3' BGM A 15 -3.59 -1.36 -0.78
BR BGM A 15 -0.07 -3.70 2.57
H5' BGM A 15 -0.38 -1.15 -3.75
H5'' BGM A 15 -2.07 -0.64 -3.82
H4' BGM A 15 -1.83 -2.27 -2.08
H1' BGM A 15 -1.24 -2.23 0.48
H21 BGM A 15 3.60 3.34 0.24
H22 BGM A 15 2.26 2.83 -0.78
H1 BGM A 15 4.06 2.17 2.14
H2' BGM A 15 -2.29 -0.17 1.11
H2'' BGM A 15 -1.17 0.79 0.11
H3' BGM A 15 -2.79 0.41 -1.54
P BGM A 15 -0.82 1.74 -4.22
OP2 BGM A 15 -0.54 3.09 -3.69
O5' BGM A 15 -1.13 0.75 -2.98
C5' BGM A 15 -1.47 -0.61 -3.21
C4' BGM A 15 -1.80 -1.34 -1.90
O4' BGM A 15 -0.64 -1.54 -1.09
C1' BGM A 15 -1.09 -1.42 0.25
N9 BGM A 15 0.00 -1.31 1.27
C8 BGM A 15 0.31 -2.21 2.27
N7 BGM A 15 1.25 -1.81 3.07
C5 BGM A 15 1.66 -0.60 2.53
C4 BGM A 15 0.92 -0.29 1.41
N3 BGM A 15 1.10 0.81 0.59
C2 BGM A 15 2.12 1.58 0.97
N2 BGM A 15 2.39 2.62 0.23
N1 BGM A 15 2.92 1.33 2.05
C6 BGM A 15 2.74 0.27 2.90
O6 BGM A 15 3.50 0.16 3.86
C2' BGM A 15 -2.03 -0.24 0.21
C3' BGM A 15 -2.85 -0.60 -1.04
O3' BGM A 15 -3.94 -1.48 -0.78
BR BGM A 15 -0.46 -3.93 2.46
H5' BGM A 15 -0.66 -1.13 -3.71
H5'' BGM A 15 -2.36 -0.66 -3.85
H4' BGM A 15 -2.21 -2.32 -2.15
H1' BGM A 15 -1.68 -2.30 0.49
H21 BGM A 15 3.18 3.23 0.43
H22 BGM A 15 1.81 2.80 -0.57
H1 BGM A 15 3.71 1.93 2.23
H2' BGM A 15 -2.64 -0.18 1.10
H2'' BGM A 15 -1.51 0.70 0.05
H3' BGM A 15 -3.20 0.32 -1.54
P BGM A 15 -0.88 1.58 -4.44
OP2 BGM A 15 -0.53 2.95 -4.02
O5' BGM A 15 -1.12 0.66 -3.13
C5' BGM A 15 -1.51 -0.69 -3.25
C4' BGM A 15 -1.78 -1.35 -1.88
O4' BGM A 15 -0.58 -1.54 -1.12
C1' BGM A 15 -0.98 -1.40 0.23
N9 BGM A 15 0.12 -1.29 1.22
C8 BGM A 15 0.44 -2.16 2.25
N7 BGM A 15 1.32 -1.70 3.09
C5 BGM A 15 1.73 -0.50 2.51
C4 BGM A 15 1.02 -0.26 1.35
N3 BGM A 15 1.21 0.80 0.50
C2 BGM A 15 2.21 1.61 0.87
N2 BGM A 15 2.46 2.62 0.08
N1 BGM A 15 2.96 1.45 1.99
C6 BGM A 15 2.77 0.42 2.90
O6 BGM A 15 3.49 0.37 3.90
C2' BGM A 15 -1.92 -0.20 0.20
C3' BGM A 15 -2.77 -0.53 -1.02
O3' BGM A 15 -3.90 -1.34 -0.73
BR BGM A 15 -0.29 -3.89 2.46
H5' BGM A 15 -0.74 -1.26 -3.77
H5'' BGM A 15 -2.43 -0.75 -3.84
H4' BGM A 15 -2.23 -2.32 -2.07
H1' BGM A 15 -1.60 -2.27 0.49
H21 BGM A 15 3.25 3.24 0.26
H22 BGM A 15 1.92 2.73 -0.75
H1 BGM A 15 3.67 2.13 2.21
H2' BGM A 15 -2.49 -0.11 1.11
H2'' BGM A 15 -1.37 0.72 0.02
H3' BGM A 15 -3.08 0.39 -1.53
P BGM A 15 -0.40 1.18 -4.65
OP2 BGM A 15 -0.19 2.64 -4.45
O5' BGM A 15 -0.89 0.53 -3.26
C5' BGM A 15 -1.28 -0.83 -3.18
C4' BGM A 15 -1.72 -1.24 -1.76
O4' BGM A 15 -0.62 -1.29 -0.86
C1' BGM A 15 -1.18 -0.98 0.41
N9 BGM A 15 -0.19 -0.75 1.50
C8 BGM A 15 0.01 -1.54 2.61
N7 BGM A 15 0.88 -1.05 3.46
C5 BGM A 15 1.34 0.09 2.84
C4 BGM A 15 0.71 0.29 1.62
N3 BGM A 15 0.98 1.29 0.72
C2 BGM A 15 1.98 2.07 1.10
N2 BGM A 15 2.36 3.01 0.26
N1 BGM A 15 2.68 1.95 2.26
C6 BGM A 15 2.38 1.01 3.23
O6 BGM A 15 3.03 0.99 4.28
C2' BGM A 15 -2.08 0.21 0.10
C3' BGM A 15 -2.78 -0.30 -1.16
O3' BGM A 15 -3.95 -1.08 -0.87
BR BGM A 15 -0.76 -3.24 2.91
H5' BGM A 15 -0.46 -1.48 -3.50
H5'' BGM A 15 -2.12 -1.00 -3.85
H4' BGM A 15 -2.14 -2.24 -1.83
H1' BGM A 15 -1.84 -1.80 0.71
H21 BGM A 15 3.15 3.62 0.44
H22 BGM A 15 1.86 3.08 -0.62
H1 BGM A 15 3.52 2.50 2.41
H2' BGM A 15 -2.75 0.43 0.93
H2'' BGM A 15 -1.50 1.10 -0.15
H3' BGM A 15 -3.02 0.52 -1.83
P BGM A 15 -0.92 1.28 -4.32
OP2 BGM A 15 -0.60 2.71 -4.12
O5' BGM A 15 -1.24 0.61 -2.88
C5' BGM A 15 -1.71 -0.73 -2.78
C4' BGM A 15 -2.09 -1.10 -1.34
O4' BGM A 15 -0.97 -1.29 -0.47
C1' BGM A 15 -1.46 -1.02 0.84
N9 BGM A 15 -0.41 -0.90 1.88
C8 BGM A 15 -0.25 -1.66 3.02
N7 BGM A 15 0.79 -1.34 3.74
C5 BGM A 15 1.40 -0.31 3.02
C4 BGM A 15 0.67 -0.03 1.87
N3 BGM A 15 0.98 0.90 0.92
C2 BGM A 15 2.11 1.57 1.19
N2 BGM A 15 2.51 2.47 0.32
N1 BGM A 15 2.90 1.35 2.28
C6 BGM A 15 2.61 0.42 3.26
O6 BGM A 15 3.40 0.28 4.20
C2' BGM A 15 -2.30 0.24 0.65
C3' BGM A 15 -3.02 -0.06 -0.68
O3' BGM A 15 -4.32 -0.63 -0.52
BR BGM A 15 -1.38 -3.08 3.55
H5' BGM A 15 -0.95 -1.42 -3.13
H5'' BGM A 15 -2.60 -0.85 -3.40
H4' BGM A 15 -2.63 -2.04 -1.38
H1' BGM A 15 -2.14 -1.82 1.11
H21 BGM A 15 3.37 3.00 0.44
H22 BGM A 15 1.92 2.62 -0.48
H1 BGM A 15 3.71 1.92 2.42
H2' BGM A 15 -2.98 0.39 1.47
H2'' BGM A 15 -1.67 1.12 0.53
H3' BGM A 15 -3.08 0.85 -1.28
P BGM A 15 -0.31 1.09 -4.71
OP2 BGM A 15 -0.19 2.54 -4.41
O5' BGM A 15 -0.57 0.30 -3.32
C5' BGM A 15 -0.85 -1.09 -3.31
C4' BGM A 15 -1.18 -1.63 -1.91
O4' BGM A 15 -0.03 -1.67 -1.06
C1' BGM A 15 -0.55 -1.52 0.25
N9 BGM A 15 0.47 -1.29 1.31
C8 BGM A 15 0.76 -2.12 2.37
N7 BGM A 15 1.65 -1.65 3.20
C5 BGM A 15 2.05 -0.46 2.60
C4 BGM A 15 1.34 -0.23 1.44
N3 BGM A 15 1.52 0.82 0.57
C2 BGM A 15 2.50 1.65 0.94
N2 BGM A 15 2.77 2.65 0.15
N1 BGM A 15 3.25 1.50 2.07
C6 BGM A 15 3.06 0.48 2.98
O6 BGM A 15 3.78 0.45 3.98
C2' BGM A 15 -1.54 -0.37 0.09
C3' BGM A 15 -2.28 -0.82 -1.18
O3' BGM A 15 -3.39 -1.66 -0.92
BR BGM A 15 0.03 -3.85 2.66
H5' BGM A 15 0.00 -1.65 -3.71
H5'' BGM A 15 -1.71 -1.29 -3.95
H4' BGM A 15 -1.55 -2.65 -2.03
H1' BGM A 15 -1.12 -2.40 0.50
H21 BGM A 15 3.52 3.30 0.35
H22 BGM A 15 2.23 2.75 -0.69
H1 BGM A 15 4.02 2.13 2.25
H2' BGM A 15 -2.20 -0.29 0.95
H2'' BGM A 15 -1.04 0.57 -0.09
H3' BGM A 15 -2.58 0.06 -1.76
#